data_4Q4L
#
_entry.id   4Q4L
#
_cell.length_a   45.420
_cell.length_b   97.990
_cell.length_c   127.540
_cell.angle_alpha   90.000
_cell.angle_beta   90.000
_cell.angle_gamma   90.000
#
_symmetry.space_group_name_H-M   'P 21 21 21'
#
loop_
_entity.id
_entity.type
_entity.pdbx_description
1 polymer 'ATP synthase subunit beta 1'
2 non-polymer 'SODIUM ION'
3 water water
#
_entity_poly.entity_id   1
_entity_poly.type   'polypeptide(L)'
_entity_poly.pdbx_seq_one_letter_code
;MAHHHHHHMGTLEAQTQGPGSMSTAALVEGKIVQCIGAVIDVEFPRESMPKIYDALILEGSELTLEVQQQLGDGVVRTIC
LGASDGLRRGVVVKNTGNPISVPVGKPTLGRIMDVLGRPIDEAGPIESENKRSIHQKAPAFDELSPSTELLETGIKVIDL
ICPFAKGGKVGLFGGAGVGKTVNMMELINNIAKEHGGYSVFAGVGERTREGNDFYHEMKDSNVLDKVALVYGQMNEPPGN
RLRVALTGLTMAEHFRDEGLDVLFFVDNIYRFTLAGTEVSALLGRMPSAVGYQPTLAEEMGKLQERITSTKKGSITSVQA
VYVPADDLTDPSPATTFGHLDATVVLSRDIASLGIYPAVDPLDSTSRQIDPNVIGEEHYSITRRVQQTLQRYKELRDIIA
ILGMDELSPEDKLSVARARKIQRFLSQPFHVAEVFTGSPGKYVPLKETIRGFKMIVDGECDHLPEQAFYMVGTIDEAFEK
AKKIQ
;
_entity_poly.pdbx_strand_id   A
#
loop_
_chem_comp.id
_chem_comp.type
_chem_comp.name
_chem_comp.formula
NA non-polymer 'SODIUM ION' 'Na 1'
#
# COMPACT_ATOMS: atom_id res chain seq x y z
N ALA A 26 7.61 -22.16 -35.64
CA ALA A 26 8.88 -21.39 -35.65
C ALA A 26 8.72 -20.06 -34.92
N LEU A 27 9.80 -19.63 -34.26
CA LEU A 27 9.89 -18.30 -33.71
C LEU A 27 11.14 -17.61 -34.22
N VAL A 28 11.00 -16.33 -34.57
CA VAL A 28 12.11 -15.55 -35.07
C VAL A 28 13.26 -15.62 -34.05
N GLU A 29 14.47 -15.86 -34.56
CA GLU A 29 15.64 -16.08 -33.70
C GLU A 29 16.64 -14.92 -33.69
N GLY A 30 17.45 -14.88 -32.63
CA GLY A 30 18.43 -13.84 -32.42
C GLY A 30 19.58 -14.32 -31.55
N LYS A 31 20.69 -13.61 -31.64
CA LYS A 31 21.91 -14.03 -30.97
C LYS A 31 22.25 -12.90 -30.06
N ILE A 32 22.75 -13.25 -28.88
CA ILE A 32 23.16 -12.25 -27.91
C ILE A 32 24.44 -11.55 -28.39
N VAL A 33 24.52 -10.24 -28.15
CA VAL A 33 25.66 -9.42 -28.57
C VAL A 33 26.55 -9.04 -27.38
N GLN A 34 25.93 -8.56 -26.31
CA GLN A 34 26.67 -8.06 -25.15
C GLN A 34 25.81 -8.26 -23.92
N CYS A 35 26.42 -8.64 -22.82
CA CYS A 35 25.72 -8.73 -21.54
C CYS A 35 26.52 -7.86 -20.59
N ILE A 36 25.85 -6.92 -19.91
CA ILE A 36 26.53 -6.00 -18.98
C ILE A 36 25.54 -5.76 -17.83
N GLY A 37 25.46 -6.79 -16.98
CA GLY A 37 24.44 -6.93 -15.96
C GLY A 37 23.36 -7.85 -16.53
N ALA A 38 22.11 -7.53 -16.21
CA ALA A 38 20.94 -8.16 -16.80
C ALA A 38 20.58 -7.52 -18.15
N VAL A 39 21.21 -6.39 -18.46
CA VAL A 39 20.99 -5.75 -19.75
C VAL A 39 21.69 -6.61 -20.75
N ILE A 40 20.93 -7.08 -21.71
CA ILE A 40 21.42 -7.97 -22.71
C ILE A 40 20.99 -7.45 -24.06
N ASP A 41 21.93 -6.84 -24.79
CA ASP A 41 21.70 -6.44 -26.18
C ASP A 41 21.67 -7.76 -26.97
N VAL A 42 20.72 -7.91 -27.87
CA VAL A 42 20.52 -9.12 -28.68
C VAL A 42 20.26 -8.68 -30.11
N GLU A 43 20.90 -9.34 -31.06
CA GLU A 43 20.73 -9.00 -32.48
C GLU A 43 19.66 -9.88 -33.13
N PHE A 44 18.84 -9.25 -33.98
CA PHE A 44 17.78 -9.91 -34.72
C PHE A 44 17.85 -9.49 -36.17
N PRO A 45 17.29 -10.32 -37.07
CA PRO A 45 17.12 -9.95 -38.48
C PRO A 45 16.54 -8.55 -38.66
N ARG A 46 17.05 -7.83 -39.65
CA ARG A 46 16.46 -6.58 -40.08
C ARG A 46 14.99 -6.84 -40.49
N GLU A 47 14.74 -8.01 -41.07
CA GLU A 47 13.40 -8.40 -41.55
C GLU A 47 12.34 -8.60 -40.46
N SER A 48 12.74 -8.85 -39.23
CA SER A 48 11.77 -9.19 -38.20
C SER A 48 12.17 -8.70 -36.80
N MET A 49 12.10 -7.39 -36.59
CA MET A 49 12.44 -6.79 -35.31
C MET A 49 11.34 -7.01 -34.27
N PRO A 50 11.72 -7.48 -33.07
CA PRO A 50 10.78 -7.47 -31.95
C PRO A 50 10.26 -6.06 -31.67
N LYS A 51 9.04 -5.99 -31.16
CA LYS A 51 8.48 -4.73 -30.75
C LYS A 51 8.75 -4.61 -29.27
N ILE A 52 8.63 -3.39 -28.77
CA ILE A 52 8.84 -3.14 -27.37
C ILE A 52 7.96 -4.09 -26.52
N TYR A 53 8.51 -4.51 -25.39
CA TYR A 53 7.87 -5.45 -24.44
C TYR A 53 7.72 -6.91 -24.87
N ASP A 54 8.15 -7.27 -26.08
CA ASP A 54 8.12 -8.67 -26.47
C ASP A 54 8.99 -9.49 -25.51
N ALA A 55 8.51 -10.68 -25.15
CA ALA A 55 9.25 -11.61 -24.29
C ALA A 55 10.03 -12.57 -25.17
N LEU A 56 11.34 -12.69 -24.94
CA LEU A 56 12.19 -13.65 -25.62
C LEU A 56 12.54 -14.80 -24.66
N ILE A 57 12.60 -16.04 -25.16
CA ILE A 57 12.86 -17.21 -24.33
C ILE A 57 13.98 -18.10 -24.83
N LEU A 58 14.45 -18.99 -23.95
CA LEU A 58 15.56 -19.92 -24.22
C LEU A 58 15.12 -21.37 -24.02
N GLU A 59 15.38 -22.21 -25.04
CA GLU A 59 15.12 -23.65 -24.93
C GLU A 59 15.91 -24.23 -23.77
N GLY A 60 15.21 -24.62 -22.70
CA GLY A 60 15.83 -25.24 -21.51
C GLY A 60 16.22 -24.33 -20.36
N SER A 61 15.69 -23.11 -20.34
CA SER A 61 15.94 -22.16 -19.23
C SER A 61 14.65 -21.52 -18.76
N GLU A 62 14.56 -21.28 -17.45
CA GLU A 62 13.40 -20.59 -16.85
C GLU A 62 13.42 -19.09 -17.14
N LEU A 63 14.58 -18.58 -17.57
CA LEU A 63 14.75 -17.14 -17.82
C LEU A 63 13.92 -16.64 -19.00
N THR A 64 13.50 -15.39 -18.88
CA THR A 64 12.84 -14.66 -19.94
C THR A 64 13.57 -13.29 -20.11
N LEU A 65 13.82 -12.86 -21.34
CA LEU A 65 14.31 -11.49 -21.59
C LEU A 65 13.13 -10.68 -22.10
N GLU A 66 13.03 -9.42 -21.69
CA GLU A 66 11.98 -8.54 -22.18
C GLU A 66 12.59 -7.37 -22.93
N VAL A 67 12.07 -7.08 -24.12
CA VAL A 67 12.57 -6.01 -24.98
C VAL A 67 12.20 -4.64 -24.44
N GLN A 68 13.20 -3.76 -24.34
CA GLN A 68 13.01 -2.38 -23.91
C GLN A 68 13.21 -1.34 -25.01
N GLN A 69 14.09 -1.59 -25.99
CA GLN A 69 14.61 -0.53 -26.84
C GLN A 69 15.03 -1.00 -28.19
N GLN A 70 14.81 -0.16 -29.20
CA GLN A 70 15.48 -0.33 -30.47
C GLN A 70 16.77 0.48 -30.42
N LEU A 71 17.91 -0.21 -30.35
CA LEU A 71 19.22 0.46 -30.43
C LEU A 71 19.51 0.90 -31.84
N GLY A 72 19.06 0.12 -32.81
CA GLY A 72 19.23 0.47 -34.21
C GLY A 72 20.22 -0.48 -34.81
N ASP A 73 20.22 -0.52 -36.14
CA ASP A 73 20.98 -1.50 -36.91
C ASP A 73 20.61 -2.97 -36.57
N GLY A 74 19.40 -3.21 -36.07
CA GLY A 74 18.91 -4.57 -35.88
C GLY A 74 19.04 -5.16 -34.48
N VAL A 75 19.54 -4.36 -33.55
CA VAL A 75 19.74 -4.79 -32.17
C VAL A 75 18.64 -4.23 -31.30
N VAL A 76 18.28 -5.01 -30.29
CA VAL A 76 17.38 -4.54 -29.23
C VAL A 76 18.03 -4.75 -27.87
N ARG A 77 17.85 -3.79 -26.98
CA ARG A 77 18.32 -3.90 -25.61
C ARG A 77 17.17 -4.49 -24.79
N THR A 78 17.49 -5.48 -23.95
CA THR A 78 16.50 -6.22 -23.16
C THR A 78 16.95 -6.28 -21.73
N ILE A 79 16.05 -6.65 -20.80
CA ILE A 79 16.45 -7.03 -19.44
C ILE A 79 16.12 -8.49 -19.17
N CYS A 80 17.05 -9.19 -18.53
CA CYS A 80 16.91 -10.59 -18.19
C CYS A 80 16.21 -10.67 -16.86
N LEU A 81 15.09 -11.37 -16.84
CA LEU A 81 14.33 -11.60 -15.61
C LEU A 81 14.61 -13.02 -15.13
N GLY A 82 15.50 -13.14 -14.14
CA GLY A 82 15.94 -14.45 -13.61
C GLY A 82 17.44 -14.69 -13.75
N ALA A 83 17.86 -15.91 -13.43
CA ALA A 83 19.27 -16.29 -13.46
C ALA A 83 19.46 -17.63 -14.16
N LEU A 87 24.07 -17.57 -20.04
CA LEU A 87 23.90 -16.76 -21.25
C LEU A 87 25.22 -16.05 -21.60
N ARG A 88 25.93 -16.60 -22.58
CA ARG A 88 27.18 -16.02 -23.09
C ARG A 88 26.91 -15.31 -24.43
N ARG A 89 27.86 -14.48 -24.86
CA ARG A 89 27.79 -13.84 -26.19
C ARG A 89 27.62 -14.92 -27.25
N GLY A 90 26.70 -14.71 -28.19
CA GLY A 90 26.47 -15.65 -29.30
C GLY A 90 25.41 -16.73 -29.10
N VAL A 91 24.82 -16.79 -27.91
CA VAL A 91 23.76 -17.76 -27.61
C VAL A 91 22.43 -17.34 -28.26
N VAL A 92 21.65 -18.32 -28.69
CA VAL A 92 20.45 -18.07 -29.49
C VAL A 92 19.18 -18.14 -28.67
N VAL A 93 18.32 -17.14 -28.88
CA VAL A 93 17.03 -17.07 -28.17
C VAL A 93 15.92 -16.80 -29.17
N LYS A 94 14.69 -17.04 -28.73
CA LYS A 94 13.51 -16.96 -29.60
C LYS A 94 12.61 -15.81 -29.15
N ASN A 95 12.04 -15.08 -30.13
CA ASN A 95 11.01 -14.11 -29.81
C ASN A 95 9.63 -14.78 -29.79
N THR A 96 8.94 -14.70 -28.65
CA THR A 96 7.55 -15.20 -28.52
C THR A 96 6.56 -14.38 -29.31
N GLY A 97 6.89 -13.11 -29.54
CA GLY A 97 6.02 -12.19 -30.24
C GLY A 97 4.95 -11.60 -29.36
N ASN A 98 4.98 -11.94 -28.06
CA ASN A 98 4.01 -11.43 -27.11
C ASN A 98 4.69 -10.91 -25.85
N PRO A 99 4.04 -9.96 -25.19
CA PRO A 99 4.53 -9.52 -23.91
C PRO A 99 4.37 -10.58 -22.83
N ILE A 100 4.86 -10.28 -21.63
CA ILE A 100 4.69 -11.15 -20.48
C ILE A 100 3.25 -10.99 -20.00
N SER A 101 2.59 -12.11 -19.76
CA SER A 101 1.20 -12.14 -19.30
C SER A 101 1.16 -12.98 -18.05
N VAL A 102 0.34 -12.58 -17.08
CA VAL A 102 0.25 -13.29 -15.82
C VAL A 102 -1.23 -13.63 -15.53
N PRO A 103 -1.46 -14.69 -14.75
CA PRO A 103 -2.84 -14.99 -14.41
C PRO A 103 -3.39 -13.90 -13.53
N VAL A 104 -4.67 -13.60 -13.69
CA VAL A 104 -5.32 -12.59 -12.85
C VAL A 104 -6.63 -13.08 -12.29
N GLY A 105 -7.13 -12.36 -11.31
CA GLY A 105 -8.43 -12.63 -10.75
C GLY A 105 -8.41 -13.53 -9.52
N LYS A 106 -9.57 -14.11 -9.23
CA LYS A 106 -9.79 -14.85 -7.98
C LYS A 106 -8.87 -16.04 -7.74
N PRO A 107 -8.47 -16.73 -8.81
CA PRO A 107 -7.52 -17.80 -8.54
C PRO A 107 -6.14 -17.37 -8.05
N THR A 108 -5.80 -16.08 -8.15
CA THR A 108 -4.58 -15.58 -7.55
C THR A 108 -4.71 -15.25 -6.07
N LEU A 109 -5.92 -15.23 -5.54
CA LEU A 109 -6.13 -14.84 -4.15
C LEU A 109 -5.58 -15.91 -3.23
N GLY A 110 -4.83 -15.51 -2.22
CA GLY A 110 -4.21 -16.48 -1.32
C GLY A 110 -2.98 -17.17 -1.88
N ARG A 111 -2.49 -16.78 -3.07
CA ARG A 111 -1.32 -17.43 -3.68
C ARG A 111 -0.11 -16.50 -3.67
N ILE A 112 1.08 -17.08 -3.74
CA ILE A 112 2.30 -16.31 -3.84
C ILE A 112 2.91 -16.58 -5.18
N MET A 113 3.11 -15.52 -5.95
CA MET A 113 3.67 -15.62 -7.27
C MET A 113 4.96 -14.86 -7.39
N ASP A 114 5.72 -15.23 -8.41
CA ASP A 114 6.93 -14.52 -8.75
C ASP A 114 6.59 -13.51 -9.86
N VAL A 115 7.59 -12.76 -10.30
CA VAL A 115 7.38 -11.70 -11.28
C VAL A 115 6.71 -12.14 -12.61
N LEU A 116 6.92 -13.39 -13.04
CA LEU A 116 6.30 -13.94 -14.23
C LEU A 116 4.97 -14.67 -13.93
N GLY A 117 4.48 -14.56 -12.70
CA GLY A 117 3.19 -15.10 -12.36
C GLY A 117 3.18 -16.59 -12.06
N ARG A 118 4.36 -17.16 -11.88
CA ARG A 118 4.51 -18.56 -11.51
C ARG A 118 4.35 -18.70 -10.02
N PRO A 119 3.69 -19.79 -9.57
CA PRO A 119 3.51 -20.03 -8.15
C PRO A 119 4.82 -20.34 -7.47
N ILE A 120 5.08 -19.68 -6.34
CA ILE A 120 6.25 -20.03 -5.53
C ILE A 120 5.87 -20.42 -4.13
N ASP A 121 4.60 -20.77 -3.91
CA ASP A 121 4.13 -21.21 -2.59
C ASP A 121 4.00 -22.74 -2.50
N GLU A 122 4.39 -23.43 -3.57
CA GLU A 122 4.31 -24.88 -3.64
C GLU A 122 2.89 -25.42 -3.41
N ALA A 123 1.88 -24.61 -3.70
CA ALA A 123 0.49 -25.05 -3.64
C ALA A 123 -0.04 -25.46 -5.02
N GLY A 124 0.84 -25.68 -5.99
CA GLY A 124 0.41 -26.16 -7.30
C GLY A 124 0.07 -25.03 -8.26
N PRO A 125 -0.47 -25.39 -9.43
CA PRO A 125 -0.65 -24.40 -10.49
C PRO A 125 -1.67 -23.33 -10.14
N ILE A 126 -1.63 -22.25 -10.89
CA ILE A 126 -2.63 -21.23 -10.82
C ILE A 126 -3.49 -21.32 -12.08
N GLU A 127 -4.71 -21.83 -11.89
CA GLU A 127 -5.58 -22.09 -13.02
C GLU A 127 -6.58 -20.96 -13.11
N SER A 128 -6.35 -20.11 -14.09
CA SER A 128 -7.28 -19.05 -14.36
C SER A 128 -7.58 -19.03 -15.82
N GLU A 129 -8.81 -18.66 -16.12
CA GLU A 129 -9.23 -18.38 -17.47
C GLU A 129 -8.74 -16.99 -17.98
N ASN A 130 -8.35 -16.08 -17.07
CA ASN A 130 -7.98 -14.74 -17.44
C ASN A 130 -6.48 -14.51 -17.21
N LYS A 131 -5.80 -13.99 -18.24
CA LYS A 131 -4.40 -13.58 -18.13
C LYS A 131 -4.38 -12.12 -18.58
N ARG A 132 -3.39 -11.35 -18.09
CA ARG A 132 -3.20 -9.96 -18.49
C ARG A 132 -1.74 -9.61 -18.74
N SER A 133 -1.50 -8.80 -19.77
CA SER A 133 -0.17 -8.29 -20.01
C SER A 133 0.25 -7.37 -18.87
N ILE A 134 1.49 -7.46 -18.42
CA ILE A 134 1.93 -6.55 -17.34
C ILE A 134 2.07 -5.10 -17.79
N HIS A 135 2.16 -4.85 -19.10
CA HIS A 135 2.19 -3.46 -19.62
C HIS A 135 0.80 -3.07 -20.15
N GLN A 136 0.24 -2.01 -19.62
CA GLN A 136 -1.12 -1.59 -19.95
C GLN A 136 -1.12 -0.10 -20.15
N LYS A 137 -1.99 0.39 -21.02
CA LYS A 137 -2.26 1.83 -21.12
C LYS A 137 -2.88 2.27 -19.79
N ALA A 138 -2.61 3.50 -19.40
CA ALA A 138 -3.36 4.17 -18.34
C ALA A 138 -4.80 4.31 -18.77
N PRO A 139 -5.71 4.55 -17.83
CA PRO A 139 -7.08 4.68 -18.30
C PRO A 139 -7.28 5.94 -19.08
N ALA A 140 -8.16 5.90 -20.06
CA ALA A 140 -8.40 7.06 -20.90
C ALA A 140 -9.02 8.10 -19.99
N PHE A 141 -8.97 9.36 -20.39
CA PHE A 141 -9.52 10.44 -19.59
C PHE A 141 -11.00 10.24 -19.27
N ASP A 142 -11.78 9.76 -20.23
CA ASP A 142 -13.21 9.55 -19.97
C ASP A 142 -13.55 8.33 -19.08
N GLU A 143 -12.56 7.48 -18.74
CA GLU A 143 -12.76 6.39 -17.79
C GLU A 143 -12.50 6.88 -16.33
N LEU A 144 -11.97 8.10 -16.18
CA LEU A 144 -11.58 8.58 -14.86
C LEU A 144 -12.76 9.13 -14.11
N SER A 145 -12.76 8.83 -12.82
CA SER A 145 -13.80 9.28 -11.95
C SER A 145 -13.62 10.79 -11.76
N PRO A 146 -14.67 11.55 -12.07
CA PRO A 146 -14.53 13.01 -12.09
C PRO A 146 -14.16 13.64 -10.74
N SER A 147 -14.62 13.04 -9.62
CA SER A 147 -14.48 13.66 -8.29
C SER A 147 -13.79 12.78 -7.26
N THR A 148 -13.19 13.45 -6.28
CA THR A 148 -12.45 12.81 -5.19
C THR A 148 -13.39 12.25 -4.16
N GLU A 149 -13.27 10.96 -3.87
CA GLU A 149 -14.06 10.35 -2.79
C GLU A 149 -13.16 9.64 -1.81
N LEU A 150 -13.57 9.64 -0.56
CA LEU A 150 -12.88 8.89 0.47
C LEU A 150 -13.06 7.41 0.31
N LEU A 151 -12.00 6.66 0.59
CA LEU A 151 -12.07 5.24 0.82
C LEU A 151 -12.21 5.05 2.33
N GLU A 152 -13.36 4.60 2.76
CA GLU A 152 -13.59 4.43 4.20
C GLU A 152 -12.91 3.17 4.67
N THR A 153 -12.00 3.30 5.64
CA THR A 153 -11.27 2.13 6.15
C THR A 153 -11.92 1.43 7.33
N GLY A 154 -12.80 2.12 8.04
CA GLY A 154 -13.40 1.58 9.28
C GLY A 154 -12.50 1.71 10.50
N ILE A 155 -11.32 2.32 10.29
CA ILE A 155 -10.33 2.51 11.34
C ILE A 155 -10.36 3.98 11.72
N LYS A 156 -10.84 4.24 12.92
CA LYS A 156 -11.15 5.61 13.36
C LYS A 156 -10.05 6.62 13.12
N VAL A 157 -8.84 6.30 13.55
CA VAL A 157 -7.78 7.28 13.45
C VAL A 157 -7.47 7.65 11.99
N ILE A 158 -7.52 6.67 11.09
CA ILE A 158 -7.21 6.93 9.69
C ILE A 158 -8.33 7.75 9.13
N ASP A 159 -9.56 7.29 9.29
CA ASP A 159 -10.68 7.98 8.68
C ASP A 159 -10.86 9.40 9.20
N LEU A 160 -10.47 9.65 10.45
CA LEU A 160 -10.59 10.98 11.00
C LEU A 160 -9.42 11.87 10.66
N ILE A 161 -8.21 11.39 10.94
CA ILE A 161 -7.00 12.20 10.91
C ILE A 161 -6.27 12.16 9.57
N CYS A 162 -6.18 10.99 8.93
CA CYS A 162 -5.46 10.91 7.67
C CYS A 162 -6.21 10.16 6.58
N PRO A 163 -7.41 10.64 6.24
CA PRO A 163 -8.31 9.89 5.42
C PRO A 163 -7.70 9.57 4.05
N PHE A 164 -7.95 8.36 3.60
CA PHE A 164 -7.57 7.88 2.24
C PHE A 164 -8.55 8.31 1.19
N ALA A 165 -8.06 8.67 0.02
CA ALA A 165 -8.90 8.82 -1.17
C ALA A 165 -8.84 7.54 -2.03
N LYS A 166 -9.98 7.18 -2.62
CA LYS A 166 -10.03 6.13 -3.64
C LYS A 166 -9.17 6.55 -4.79
N GLY A 167 -8.22 5.71 -5.19
CA GLY A 167 -7.27 6.08 -6.21
C GLY A 167 -6.08 6.91 -5.72
N GLY A 168 -5.95 7.09 -4.40
CA GLY A 168 -4.90 7.91 -3.85
C GLY A 168 -3.65 7.12 -3.56
N LYS A 169 -2.65 7.81 -3.02
CA LYS A 169 -1.35 7.22 -2.74
C LYS A 169 -1.02 7.49 -1.29
N VAL A 170 -0.92 6.42 -0.52
CA VAL A 170 -0.72 6.49 0.89
C VAL A 170 0.68 6.01 1.22
N GLY A 171 1.34 6.69 2.15
CA GLY A 171 2.57 6.19 2.75
C GLY A 171 2.33 5.68 4.18
N LEU A 172 2.85 4.50 4.50
CA LEU A 172 2.77 3.91 5.83
C LEU A 172 4.17 3.84 6.37
N PHE A 173 4.48 4.74 7.31
CA PHE A 173 5.84 4.92 7.85
C PHE A 173 5.91 4.29 9.23
N GLY A 174 6.91 3.47 9.44
CA GLY A 174 7.06 2.84 10.74
C GLY A 174 8.32 2.01 10.76
N GLY A 175 8.88 1.88 11.96
CA GLY A 175 9.93 0.90 12.20
C GLY A 175 9.28 -0.43 12.54
N ALA A 176 10.01 -1.23 13.32
CA ALA A 176 9.56 -2.55 13.76
C ALA A 176 8.91 -2.42 15.12
N GLY A 177 8.10 -3.42 15.49
CA GLY A 177 7.41 -3.41 16.77
C GLY A 177 6.16 -2.56 16.86
N VAL A 178 5.88 -1.75 15.83
CA VAL A 178 4.82 -0.74 15.88
C VAL A 178 3.54 -1.09 15.13
N GLY A 179 3.38 -2.35 14.74
CA GLY A 179 2.11 -2.83 14.19
C GLY A 179 1.98 -2.60 12.71
N LYS A 180 3.08 -2.39 12.00
CA LYS A 180 3.05 -2.13 10.56
C LYS A 180 2.29 -3.23 9.79
N THR A 181 2.57 -4.47 10.13
CA THR A 181 1.94 -5.61 9.50
C THR A 181 0.51 -5.80 9.95
N VAL A 182 0.25 -5.55 11.24
CA VAL A 182 -1.09 -5.71 11.77
C VAL A 182 -2.02 -4.74 11.06
N ASN A 183 -1.53 -3.50 10.89
CA ASN A 183 -2.30 -2.48 10.20
C ASN A 183 -2.57 -2.81 8.73
N MET A 184 -1.56 -3.33 8.04
CA MET A 184 -1.76 -3.79 6.66
C MET A 184 -2.83 -4.86 6.62
N MET A 185 -2.71 -5.83 7.52
CA MET A 185 -3.68 -6.91 7.55
C MET A 185 -5.11 -6.46 7.84
N GLU A 186 -5.27 -5.52 8.77
CA GLU A 186 -6.61 -5.02 9.08
C GLU A 186 -7.21 -4.25 7.90
N LEU A 187 -6.41 -3.47 7.19
CA LEU A 187 -6.88 -2.81 5.97
C LEU A 187 -7.33 -3.83 4.90
N ILE A 188 -6.56 -4.92 4.78
CA ILE A 188 -6.92 -6.01 3.85
C ILE A 188 -8.25 -6.61 4.26
N ASN A 189 -8.38 -6.88 5.55
CA ASN A 189 -9.61 -7.41 6.08
C ASN A 189 -10.82 -6.52 5.80
N ASN A 190 -10.69 -5.23 6.14
CA ASN A 190 -11.85 -4.34 6.14
C ASN A 190 -12.33 -4.01 4.73
N ILE A 191 -11.41 -3.83 3.80
CA ILE A 191 -11.85 -3.49 2.46
C ILE A 191 -12.62 -4.67 1.87
N ALA A 192 -12.22 -5.89 2.22
CA ALA A 192 -12.91 -7.12 1.70
C ALA A 192 -14.25 -7.32 2.38
N LYS A 193 -14.26 -7.29 3.72
CA LYS A 193 -15.50 -7.44 4.48
C LYS A 193 -16.57 -6.38 4.19
N GLU A 194 -16.22 -5.09 4.23
CA GLU A 194 -17.26 -4.07 4.10
C GLU A 194 -17.52 -3.59 2.71
N HIS A 195 -16.51 -3.58 1.85
CA HIS A 195 -16.73 -3.05 0.52
C HIS A 195 -16.71 -4.12 -0.57
N GLY A 196 -16.42 -5.35 -0.22
CA GLY A 196 -16.30 -6.44 -1.22
C GLY A 196 -15.08 -6.28 -2.10
N GLY A 197 -14.08 -5.52 -1.66
CA GLY A 197 -12.83 -5.37 -2.43
C GLY A 197 -11.80 -6.47 -2.20
N TYR A 198 -10.65 -6.37 -2.87
CA TYR A 198 -9.51 -7.27 -2.64
C TYR A 198 -8.25 -6.47 -2.51
N SER A 199 -7.15 -7.15 -2.18
CA SER A 199 -5.83 -6.51 -2.11
C SER A 199 -4.77 -7.28 -2.89
N VAL A 200 -3.72 -6.56 -3.28
CA VAL A 200 -2.54 -7.16 -3.90
C VAL A 200 -1.36 -6.59 -3.12
N PHE A 201 -0.41 -7.47 -2.77
CA PHE A 201 0.80 -7.14 -2.12
C PHE A 201 1.99 -7.41 -3.08
N ALA A 202 2.84 -6.40 -3.29
CA ALA A 202 4.05 -6.56 -4.09
C ALA A 202 5.22 -6.31 -3.17
N GLY A 203 6.04 -7.34 -2.96
CA GLY A 203 7.12 -7.19 -1.99
C GLY A 203 8.35 -8.00 -2.26
N VAL A 204 9.20 -8.06 -1.24
CA VAL A 204 10.46 -8.79 -1.30
C VAL A 204 10.88 -9.34 0.06
N ASN A 212 7.18 -17.35 4.40
CA ASN A 212 6.58 -18.09 5.51
C ASN A 212 6.12 -17.18 6.64
N ASP A 213 6.86 -16.08 6.86
CA ASP A 213 6.61 -15.22 8.02
CA ASP A 213 6.63 -15.19 8.01
C ASP A 213 5.35 -14.35 7.87
N PHE A 214 5.30 -13.49 6.86
CA PHE A 214 4.13 -12.62 6.64
C PHE A 214 2.94 -13.51 6.23
N TYR A 215 3.24 -14.45 5.34
CA TYR A 215 2.30 -15.45 4.85
C TYR A 215 1.52 -16.14 5.97
N HIS A 216 2.21 -16.68 6.96
CA HIS A 216 1.55 -17.41 8.04
C HIS A 216 0.74 -16.46 8.93
N GLU A 217 1.22 -15.22 9.08
CA GLU A 217 0.49 -14.20 9.83
C GLU A 217 -0.91 -14.00 9.24
N MET A 218 -0.99 -13.98 7.91
CA MET A 218 -2.25 -13.75 7.24
C MET A 218 -3.18 -14.96 7.28
N LYS A 219 -2.62 -16.16 7.18
CA LYS A 219 -3.43 -17.38 7.39
C LYS A 219 -3.92 -17.39 8.83
N ASP A 220 -3.01 -17.16 9.77
CA ASP A 220 -3.33 -17.14 11.19
C ASP A 220 -4.35 -16.06 11.55
N SER A 221 -4.40 -14.98 10.77
CA SER A 221 -5.46 -13.94 10.93
C SER A 221 -6.61 -14.05 9.92
N ASN A 222 -6.61 -15.11 9.12
CA ASN A 222 -7.61 -15.34 8.08
C ASN A 222 -7.91 -14.13 7.14
N VAL A 223 -6.86 -13.46 6.67
CA VAL A 223 -6.98 -12.52 5.57
C VAL A 223 -6.25 -13.00 4.30
N LEU A 224 -5.67 -14.18 4.33
CA LEU A 224 -4.81 -14.63 3.22
C LEU A 224 -5.58 -14.76 1.92
N ASP A 225 -6.81 -15.26 2.03
CA ASP A 225 -7.69 -15.46 0.89
C ASP A 225 -8.30 -14.20 0.33
N LYS A 226 -7.92 -13.06 0.89
CA LYS A 226 -8.39 -11.76 0.42
C LYS A 226 -7.29 -10.94 -0.29
N VAL A 227 -6.12 -11.53 -0.53
CA VAL A 227 -4.97 -10.80 -1.08
C VAL A 227 -4.11 -11.71 -1.96
N ALA A 228 -3.63 -11.16 -3.08
CA ALA A 228 -2.73 -11.87 -4.01
C ALA A 228 -1.34 -11.34 -3.75
N LEU A 229 -0.36 -12.22 -3.64
CA LEU A 229 1.02 -11.82 -3.37
C LEU A 229 1.96 -12.08 -4.55
N VAL A 230 2.81 -11.07 -4.83
CA VAL A 230 3.92 -11.14 -5.77
C VAL A 230 5.24 -10.77 -5.10
N TYR A 231 6.23 -11.64 -5.20
CA TYR A 231 7.50 -11.40 -4.55
C TYR A 231 8.60 -11.26 -5.58
N GLY A 232 9.43 -10.24 -5.37
CA GLY A 232 10.75 -10.20 -5.97
C GLY A 232 11.74 -10.86 -5.05
N GLN A 233 13.02 -10.66 -5.32
CA GLN A 233 14.06 -11.29 -4.53
C GLN A 233 15.06 -10.27 -4.06
N MET A 234 15.71 -10.57 -2.94
CA MET A 234 16.81 -9.77 -2.49
C MET A 234 17.99 -10.01 -3.41
N ASN A 235 18.88 -9.02 -3.48
CA ASN A 235 20.14 -9.11 -4.22
C ASN A 235 19.97 -8.92 -5.73
N GLU A 236 18.74 -8.64 -6.18
CA GLU A 236 18.45 -8.47 -7.62
C GLU A 236 18.58 -7.00 -8.06
N PRO A 237 18.75 -6.75 -9.38
CA PRO A 237 18.87 -5.37 -9.86
C PRO A 237 17.57 -4.60 -9.74
N PRO A 238 17.67 -3.27 -9.59
CA PRO A 238 16.54 -2.40 -9.28
C PRO A 238 15.45 -2.41 -10.32
N GLY A 239 15.85 -2.55 -11.59
CA GLY A 239 14.90 -2.63 -12.70
C GLY A 239 13.95 -3.81 -12.62
N ASN A 240 14.36 -4.90 -11.94
CA ASN A 240 13.44 -6.03 -11.72
C ASN A 240 12.33 -5.61 -10.78
N ARG A 241 12.62 -4.69 -9.86
CA ARG A 241 11.60 -4.21 -8.95
C ARG A 241 10.47 -3.53 -9.65
N LEU A 242 10.77 -2.80 -10.71
CA LEU A 242 9.71 -2.21 -11.51
C LEU A 242 8.75 -3.32 -11.99
N ARG A 243 9.32 -4.40 -12.51
CA ARG A 243 8.51 -5.53 -13.02
C ARG A 243 7.67 -6.21 -11.93
N VAL A 244 8.23 -6.34 -10.72
CA VAL A 244 7.46 -6.87 -9.60
C VAL A 244 6.23 -6.01 -9.35
N ALA A 245 6.43 -4.70 -9.26
CA ALA A 245 5.33 -3.75 -9.14
C ALA A 245 4.34 -3.78 -10.32
N LEU A 246 4.86 -3.89 -11.55
CA LEU A 246 4.00 -4.00 -12.71
C LEU A 246 3.09 -5.25 -12.66
N THR A 247 3.63 -6.36 -12.19
CA THR A 247 2.85 -7.61 -12.11
C THR A 247 1.75 -7.41 -11.06
N GLY A 248 2.11 -6.89 -9.90
CA GLY A 248 1.10 -6.55 -8.85
C GLY A 248 0.00 -5.62 -9.33
N LEU A 249 0.41 -4.53 -9.94
CA LEU A 249 -0.55 -3.58 -10.47
C LEU A 249 -1.50 -4.21 -11.49
N THR A 250 -0.99 -5.05 -12.38
CA THR A 250 -1.85 -5.59 -13.43
C THR A 250 -2.93 -6.46 -12.81
N MET A 251 -2.59 -7.15 -11.74
CA MET A 251 -3.52 -7.97 -10.96
C MET A 251 -4.55 -7.11 -10.25
N ALA A 252 -4.10 -6.00 -9.67
CA ALA A 252 -5.02 -5.07 -9.04
C ALA A 252 -6.00 -4.52 -10.05
N GLU A 253 -5.52 -4.26 -11.26
CA GLU A 253 -6.38 -3.71 -12.30
C GLU A 253 -7.49 -4.68 -12.72
N HIS A 254 -7.23 -5.98 -12.71
CA HIS A 254 -8.30 -6.92 -13.05
C HIS A 254 -9.41 -6.82 -12.00
N PHE A 255 -9.03 -6.78 -10.72
CA PHE A 255 -10.04 -6.69 -9.66
C PHE A 255 -10.85 -5.40 -9.76
N ARG A 256 -10.15 -4.32 -10.07
CA ARG A 256 -10.81 -3.06 -10.34
C ARG A 256 -11.80 -3.17 -11.49
N ASP A 257 -11.39 -3.76 -12.60
CA ASP A 257 -12.32 -3.98 -13.69
C ASP A 257 -13.51 -4.85 -13.32
N GLU A 258 -13.45 -5.60 -12.22
CA GLU A 258 -14.64 -6.35 -11.75
C GLU A 258 -15.62 -5.40 -11.07
N GLY A 259 -15.25 -4.13 -10.92
CA GLY A 259 -16.14 -3.11 -10.36
C GLY A 259 -15.89 -2.86 -8.87
N LEU A 260 -14.66 -3.06 -8.43
CA LEU A 260 -14.31 -3.13 -7.05
C LEU A 260 -13.31 -2.02 -6.65
N ASP A 261 -13.31 -1.68 -5.35
CA ASP A 261 -12.25 -0.86 -4.76
C ASP A 261 -11.15 -1.78 -4.26
N VAL A 262 -9.92 -1.47 -4.68
CA VAL A 262 -8.77 -2.36 -4.49
C VAL A 262 -7.62 -1.66 -3.74
N LEU A 263 -6.93 -2.39 -2.86
CA LEU A 263 -5.74 -1.89 -2.20
C LEU A 263 -4.51 -2.53 -2.78
N PHE A 264 -3.51 -1.71 -3.14
CA PHE A 264 -2.25 -2.20 -3.68
C PHE A 264 -1.10 -1.86 -2.74
N PHE A 265 -0.62 -2.85 -1.99
CA PHE A 265 0.48 -2.66 -1.05
C PHE A 265 1.83 -2.92 -1.71
N VAL A 266 2.74 -1.96 -1.52
CA VAL A 266 4.11 -2.06 -2.00
C VAL A 266 5.06 -1.91 -0.82
N ASP A 267 5.79 -2.96 -0.53
CA ASP A 267 6.63 -3.03 0.66
C ASP A 267 8.10 -3.08 0.28
N ASN A 268 8.86 -2.09 0.78
CA ASN A 268 10.31 -1.97 0.56
C ASN A 268 10.83 -2.42 -0.82
N ILE A 269 10.14 -1.90 -1.83
CA ILE A 269 10.37 -2.25 -3.23
C ILE A 269 11.75 -1.73 -3.76
N TYR A 270 12.32 -0.69 -3.17
CA TYR A 270 13.69 -0.24 -3.55
C TYR A 270 14.81 -0.83 -2.67
N ARG A 271 14.47 -1.72 -1.72
CA ARG A 271 15.46 -2.24 -0.78
C ARG A 271 15.97 -3.63 -1.13
N PHE A 272 17.16 -3.93 -0.64
CA PHE A 272 17.84 -5.22 -0.82
C PHE A 272 17.99 -5.54 -2.29
N THR A 273 18.56 -4.59 -3.04
CA THR A 273 18.84 -4.78 -4.46
C THR A 273 20.35 -5.00 -4.61
N LEU A 274 20.78 -5.47 -5.78
CA LEU A 274 22.20 -5.69 -6.04
C LEU A 274 22.88 -4.35 -6.21
N ALA A 275 22.55 -3.66 -7.30
CA ALA A 275 23.35 -2.53 -7.83
C ALA A 275 23.57 -1.34 -6.88
N GLY A 276 22.61 -1.01 -6.00
CA GLY A 276 22.77 0.15 -5.09
C GLY A 276 22.33 0.00 -3.63
N THR A 277 21.67 1.04 -3.11
CA THR A 277 20.94 1.05 -1.84
C THR A 277 19.43 1.13 -2.14
N GLU A 278 18.74 2.14 -1.56
CA GLU A 278 17.36 2.56 -1.94
C GLU A 278 17.39 3.72 -2.95
N VAL A 279 18.09 4.78 -2.57
CA VAL A 279 18.20 6.00 -3.38
C VAL A 279 19.03 5.74 -4.70
N SER A 280 20.08 4.92 -4.64
CA SER A 280 20.83 4.56 -5.86
C SER A 280 19.96 3.76 -6.86
N ALA A 281 19.15 2.82 -6.34
CA ALA A 281 18.15 2.11 -7.18
C ALA A 281 17.19 3.08 -7.93
N LEU A 282 16.77 4.17 -7.28
CA LEU A 282 15.85 5.18 -7.86
C LEU A 282 16.41 5.93 -9.08
N LEU A 283 17.65 6.39 -9.00
CA LEU A 283 18.27 7.14 -10.11
C LEU A 283 18.95 6.18 -11.09
N GLY A 284 18.94 4.88 -10.78
CA GLY A 284 19.45 3.85 -11.67
C GLY A 284 18.69 3.92 -12.99
N ARG A 285 19.43 4.09 -14.08
CA ARG A 285 18.84 4.22 -15.42
C ARG A 285 18.53 2.84 -15.95
N MET A 286 17.73 2.78 -17.03
CA MET A 286 17.50 1.53 -17.77
C MET A 286 17.28 1.80 -19.26
N PRO A 287 17.38 0.77 -20.09
CA PRO A 287 17.13 0.94 -21.53
C PRO A 287 15.67 1.21 -21.83
N SER A 288 15.40 1.93 -22.93
CA SER A 288 14.04 2.41 -23.22
C SER A 288 13.81 2.76 -24.70
N ALA A 289 12.54 2.79 -25.11
CA ALA A 289 12.12 3.27 -26.44
C ALA A 289 11.86 4.79 -26.49
N VAL A 290 11.90 5.46 -25.33
CA VAL A 290 11.55 6.88 -25.16
C VAL A 290 12.52 7.94 -25.77
N GLY A 291 13.67 7.53 -26.28
CA GLY A 291 14.68 8.46 -26.85
C GLY A 291 15.88 8.73 -25.95
N TYR A 292 15.85 8.16 -24.75
CA TYR A 292 16.96 8.22 -23.79
C TYR A 292 16.82 7.02 -22.82
N GLN A 293 17.66 6.96 -21.79
CA GLN A 293 17.50 5.99 -20.70
C GLN A 293 16.86 6.70 -19.48
N PRO A 294 15.56 6.44 -19.20
CA PRO A 294 14.89 7.12 -18.08
C PRO A 294 15.28 6.47 -16.75
N THR A 295 15.14 7.19 -15.65
CA THR A 295 15.40 6.59 -14.34
C THR A 295 14.30 5.56 -13.93
N LEU A 296 14.65 4.67 -12.99
CA LEU A 296 13.65 3.84 -12.31
C LEU A 296 12.61 4.74 -11.59
N ALA A 297 13.06 5.86 -11.01
CA ALA A 297 12.12 6.80 -10.40
C ALA A 297 11.17 7.34 -11.46
N GLU A 298 11.66 7.49 -12.70
CA GLU A 298 10.82 7.96 -13.84
C GLU A 298 9.87 6.90 -14.42
N GLU A 299 10.33 5.65 -14.57
CA GLU A 299 9.40 4.59 -15.00
C GLU A 299 8.33 4.26 -13.96
N MET A 300 8.61 4.51 -12.67
CA MET A 300 7.63 4.29 -11.61
C MET A 300 6.52 5.35 -11.69
N GLY A 301 6.87 6.59 -11.97
CA GLY A 301 5.86 7.64 -12.13
C GLY A 301 4.81 7.31 -13.18
N LYS A 302 5.23 6.62 -14.24
CA LYS A 302 4.28 6.15 -15.24
C LYS A 302 3.32 5.07 -14.72
N LEU A 303 3.81 4.27 -13.80
CA LEU A 303 3.03 3.23 -13.15
C LEU A 303 1.98 3.91 -12.24
N GLN A 304 2.30 5.09 -11.73
CA GLN A 304 1.39 5.82 -10.86
C GLN A 304 0.15 6.29 -11.54
N GLU A 305 0.26 6.57 -12.83
CA GLU A 305 -0.86 6.96 -13.68
C GLU A 305 -1.98 5.89 -13.68
N ARG A 306 -1.59 4.62 -13.50
CA ARG A 306 -2.55 3.51 -13.48
C ARG A 306 -3.21 3.32 -12.09
N ILE A 307 -2.65 3.96 -11.04
CA ILE A 307 -3.21 3.92 -9.71
C ILE A 307 -4.15 5.10 -9.62
N THR A 308 -5.45 4.84 -9.78
CA THR A 308 -6.45 5.89 -9.83
C THR A 308 -7.86 5.33 -9.60
N SER A 309 -8.85 6.22 -9.64
CA SER A 309 -10.25 5.86 -9.47
C SER A 309 -10.90 6.06 -10.80
N THR A 310 -11.61 5.05 -11.28
CA THR A 310 -12.31 5.07 -12.55
C THR A 310 -13.78 4.99 -12.28
N LYS A 311 -14.54 5.11 -13.34
CA LYS A 311 -15.96 4.89 -13.26
C LYS A 311 -16.33 3.49 -12.74
N LYS A 312 -15.48 2.47 -12.96
CA LYS A 312 -15.75 1.08 -12.57
C LYS A 312 -15.36 0.77 -11.14
N GLY A 313 -14.24 1.28 -10.70
CA GLY A 313 -13.75 1.01 -9.35
C GLY A 313 -12.48 1.82 -9.10
N SER A 314 -11.61 1.35 -8.23
CA SER A 314 -10.42 2.17 -7.91
C SER A 314 -9.29 1.28 -7.44
N ILE A 315 -8.07 1.79 -7.60
CA ILE A 315 -6.91 1.18 -6.98
C ILE A 315 -6.27 2.23 -6.10
N THR A 316 -6.12 1.94 -4.83
CA THR A 316 -5.48 2.88 -3.89
C THR A 316 -4.19 2.25 -3.41
N SER A 317 -3.07 2.91 -3.57
CA SER A 317 -1.78 2.32 -3.14
C SER A 317 -1.34 2.71 -1.74
N VAL A 318 -0.71 1.75 -1.08
CA VAL A 318 -0.14 1.92 0.23
C VAL A 318 1.29 1.45 0.14
N GLN A 319 2.20 2.40 0.20
CA GLN A 319 3.61 2.13 0.16
C GLN A 319 4.16 2.12 1.58
N ALA A 320 4.63 0.95 2.02
CA ALA A 320 5.35 0.81 3.30
C ALA A 320 6.73 1.40 3.15
N VAL A 321 7.05 2.33 4.04
CA VAL A 321 8.34 2.99 4.05
C VAL A 321 9.00 2.68 5.40
N TYR A 322 10.18 2.08 5.35
CA TYR A 322 10.92 1.73 6.58
C TYR A 322 11.65 2.95 7.16
N VAL A 323 11.34 3.26 8.42
CA VAL A 323 11.97 4.35 9.14
C VAL A 323 12.66 3.76 10.36
N PRO A 324 13.97 4.02 10.54
CA PRO A 324 14.62 3.78 11.85
C PRO A 324 14.76 5.06 12.66
N ALA A 325 14.44 5.02 13.95
CA ALA A 325 14.54 6.21 14.83
C ALA A 325 15.98 6.45 15.28
N HIS A 339 5.07 11.42 -4.46
CA HIS A 339 3.73 12.05 -4.60
C HIS A 339 2.64 11.42 -3.77
N LEU A 340 2.77 11.51 -2.46
CA LEU A 340 1.76 11.00 -1.53
C LEU A 340 0.60 11.98 -1.25
N ASP A 341 -0.60 11.41 -1.10
CA ASP A 341 -1.83 12.07 -0.67
C ASP A 341 -2.07 12.00 0.85
N ALA A 342 -1.54 10.98 1.51
CA ALA A 342 -1.79 10.74 2.92
C ALA A 342 -0.59 10.04 3.48
N THR A 343 -0.26 10.33 4.74
CA THR A 343 0.82 9.63 5.44
C THR A 343 0.34 9.13 6.76
N VAL A 344 0.58 7.85 7.01
CA VAL A 344 0.19 7.22 8.25
C VAL A 344 1.48 6.99 9.01
N VAL A 345 1.66 7.68 10.14
CA VAL A 345 2.90 7.63 10.86
C VAL A 345 2.73 6.82 12.13
N LEU A 346 3.43 5.69 12.19
CA LEU A 346 3.38 4.82 13.35
C LEU A 346 4.48 5.25 14.31
N SER A 347 4.21 5.19 15.61
CA SER A 347 5.15 5.75 16.59
C SER A 347 5.30 4.85 17.82
N ARG A 348 6.56 4.59 18.18
CA ARG A 348 6.89 3.78 19.36
C ARG A 348 6.29 4.40 20.60
N ASP A 349 6.24 5.73 20.64
CA ASP A 349 5.71 6.42 21.82
C ASP A 349 4.23 6.23 22.03
N ILE A 350 3.45 6.23 20.95
CA ILE A 350 2.03 5.96 21.06
C ILE A 350 1.83 4.50 21.53
N ALA A 351 2.61 3.57 20.97
CA ALA A 351 2.54 2.17 21.35
C ALA A 351 2.92 1.91 22.81
N SER A 352 3.94 2.61 23.31
CA SER A 352 4.31 2.57 24.74
C SER A 352 3.16 2.91 25.64
N LEU A 353 2.39 3.94 25.26
CA LEU A 353 1.18 4.32 25.99
C LEU A 353 0.02 3.27 25.94
N GLY A 354 0.19 2.15 25.25
CA GLY A 354 -0.89 1.13 25.15
C GLY A 354 -1.94 1.39 24.07
N ILE A 355 -1.68 2.39 23.23
CA ILE A 355 -2.60 2.81 22.17
C ILE A 355 -2.26 2.06 20.87
N TYR A 356 -3.21 1.23 20.41
CA TYR A 356 -3.12 0.52 19.15
C TYR A 356 -4.43 0.77 18.42
N PRO A 357 -4.37 1.07 17.13
CA PRO A 357 -3.15 1.18 16.36
C PRO A 357 -2.35 2.44 16.75
N ALA A 358 -1.04 2.34 16.63
CA ALA A 358 -0.09 3.32 17.14
C ALA A 358 0.18 4.43 16.13
N VAL A 359 -0.90 5.01 15.65
CA VAL A 359 -0.86 6.08 14.69
C VAL A 359 -0.72 7.42 15.46
N ASP A 360 0.30 8.20 15.09
CA ASP A 360 0.53 9.52 15.67
C ASP A 360 -0.52 10.42 15.06
N PRO A 361 -1.51 10.88 15.89
CA PRO A 361 -2.62 11.62 15.39
C PRO A 361 -2.32 13.08 15.08
N LEU A 362 -1.11 13.55 15.41
CA LEU A 362 -0.67 14.90 15.05
C LEU A 362 0.34 14.90 13.87
N ASP A 363 1.22 13.91 13.78
CA ASP A 363 2.17 13.84 12.64
C ASP A 363 1.65 13.10 11.41
N SER A 364 0.55 12.36 11.50
CA SER A 364 -0.04 11.81 10.29
C SER A 364 -0.75 12.91 9.55
N THR A 365 -0.88 12.74 8.23
CA THR A 365 -1.37 13.78 7.35
C THR A 365 -2.22 13.26 6.22
N SER A 366 -3.10 14.11 5.68
CA SER A 366 -3.83 13.85 4.48
C SER A 366 -4.25 15.11 3.78
N ARG A 367 -4.03 15.15 2.45
CA ARG A 367 -4.57 16.19 1.56
C ARG A 367 -6.09 16.21 1.48
N GLN A 368 -6.72 15.11 1.84
CA GLN A 368 -8.17 15.05 1.90
C GLN A 368 -8.78 15.82 3.08
N ILE A 369 -7.97 16.25 4.03
CA ILE A 369 -8.43 17.20 5.05
C ILE A 369 -8.72 18.58 4.45
N ASP A 370 -9.93 18.77 3.97
CA ASP A 370 -10.27 19.86 3.06
C ASP A 370 -11.79 19.86 3.03
N PRO A 371 -12.43 20.95 3.44
CA PRO A 371 -13.88 20.83 3.57
C PRO A 371 -14.60 20.50 2.26
N ASN A 372 -13.99 20.86 1.12
CA ASN A 372 -14.57 20.57 -0.20
C ASN A 372 -14.60 19.09 -0.54
N VAL A 373 -13.80 18.29 0.16
CA VAL A 373 -13.72 16.86 -0.12
C VAL A 373 -14.52 16.12 0.96
N ILE A 374 -14.25 16.44 2.22
CA ILE A 374 -14.88 15.71 3.32
C ILE A 374 -16.08 16.39 3.96
N GLY A 375 -16.42 17.61 3.56
CA GLY A 375 -17.48 18.38 4.19
C GLY A 375 -16.98 19.28 5.32
N GLU A 376 -17.73 20.32 5.63
CA GLU A 376 -17.35 21.26 6.71
C GLU A 376 -17.30 20.62 8.08
N GLU A 377 -18.19 19.66 8.35
CA GLU A 377 -18.27 19.11 9.70
C GLU A 377 -17.08 18.22 9.97
N HIS A 378 -16.82 17.26 9.08
CA HIS A 378 -15.67 16.39 9.26
C HIS A 378 -14.38 17.26 9.36
N TYR A 379 -14.20 18.20 8.46
CA TYR A 379 -12.98 19.01 8.50
C TYR A 379 -12.87 19.68 9.90
N SER A 380 -13.98 20.24 10.35
CA SER A 380 -14.00 21.00 11.61
C SER A 380 -13.66 20.12 12.82
N ILE A 381 -14.19 18.91 12.83
CA ILE A 381 -13.94 18.00 13.95
C ILE A 381 -12.48 17.54 13.95
N THR A 382 -11.93 17.24 12.77
CA THR A 382 -10.53 16.84 12.69
C THR A 382 -9.63 17.92 13.25
N ARG A 383 -9.93 19.15 12.89
CA ARG A 383 -9.16 20.31 13.30
CA ARG A 383 -9.18 20.31 13.30
C ARG A 383 -9.28 20.58 14.81
N ARG A 384 -10.51 20.52 15.32
CA ARG A 384 -10.71 20.75 16.76
C ARG A 384 -10.04 19.62 17.55
N VAL A 385 -10.13 18.38 17.05
CA VAL A 385 -9.45 17.26 17.71
C VAL A 385 -7.94 17.48 17.75
N GLN A 386 -7.33 17.91 16.66
CA GLN A 386 -5.89 18.14 16.66
C GLN A 386 -5.49 19.32 17.56
N GLN A 387 -6.31 20.36 17.62
CA GLN A 387 -6.02 21.47 18.51
C GLN A 387 -6.01 21.07 19.98
N THR A 388 -6.92 20.19 20.36
CA THR A 388 -7.01 19.73 21.75
C THR A 388 -5.80 18.84 22.06
N LEU A 389 -5.45 17.93 21.16
CA LEU A 389 -4.26 17.13 21.37
C LEU A 389 -2.97 17.96 21.44
N GLN A 390 -2.89 19.00 20.60
CA GLN A 390 -1.74 19.89 20.57
C GLN A 390 -1.66 20.67 21.86
N ARG A 391 -2.80 21.12 22.37
CA ARG A 391 -2.80 21.88 23.62
C ARG A 391 -2.31 21.01 24.76
N TYR A 392 -2.71 19.73 24.78
CA TYR A 392 -2.26 18.82 25.83
C TYR A 392 -0.75 18.60 25.77
N LYS A 393 -0.23 18.46 24.56
CA LYS A 393 1.21 18.28 24.37
C LYS A 393 1.97 19.48 24.95
N GLU A 394 1.48 20.67 24.65
CA GLU A 394 2.09 21.90 25.16
C GLU A 394 2.10 22.00 26.67
N LEU A 395 1.07 21.50 27.31
CA LEU A 395 0.94 21.61 28.74
C LEU A 395 1.73 20.53 29.47
N ARG A 396 2.40 19.65 28.73
CA ARG A 396 3.06 18.47 29.32
C ARG A 396 4.08 18.80 30.44
N ASP A 397 4.87 19.86 30.27
CA ASP A 397 5.87 20.23 31.30
C ASP A 397 5.28 20.98 32.47
N ILE A 398 4.25 21.77 32.20
CA ILE A 398 3.61 22.58 33.24
C ILE A 398 2.87 21.66 34.22
N ILE A 399 2.26 20.61 33.68
CA ILE A 399 1.64 19.56 34.49
C ILE A 399 2.69 18.85 35.35
N ALA A 400 3.88 18.64 34.76
CA ALA A 400 5.01 18.08 35.49
C ALA A 400 5.57 19.07 36.53
N ILE A 401 5.95 20.27 36.09
CA ILE A 401 6.57 21.26 36.99
C ILE A 401 5.61 21.75 38.07
N LEU A 402 4.48 22.36 37.69
CA LEU A 402 3.61 23.09 38.63
C LEU A 402 2.29 22.40 39.06
N GLY A 403 2.13 21.11 38.74
CA GLY A 403 0.94 20.34 39.18
C GLY A 403 -0.34 20.50 38.37
N MET A 404 -1.19 19.48 38.43
CA MET A 404 -2.50 19.48 37.74
C MET A 404 -3.54 20.46 38.32
N ASP A 405 -3.47 20.73 39.64
CA ASP A 405 -4.36 21.70 40.28
C ASP A 405 -4.02 23.16 39.93
N GLU A 406 -2.80 23.39 39.45
CA GLU A 406 -2.40 24.71 38.97
C GLU A 406 -3.01 25.10 37.61
N LEU A 407 -3.51 24.13 36.83
CA LEU A 407 -4.12 24.44 35.54
C LEU A 407 -5.44 25.22 35.71
N SER A 408 -5.66 26.17 34.82
CA SER A 408 -6.92 26.90 34.75
C SER A 408 -8.08 25.95 34.35
N PRO A 409 -9.35 26.36 34.63
CA PRO A 409 -10.50 25.52 34.34
C PRO A 409 -10.44 25.01 32.92
N GLU A 410 -10.12 25.90 31.98
CA GLU A 410 -10.17 25.61 30.54
C GLU A 410 -9.07 24.64 30.17
N ASP A 411 -7.94 24.72 30.87
CA ASP A 411 -6.83 23.85 30.51
C ASP A 411 -7.04 22.46 31.05
N LYS A 412 -7.60 22.37 32.25
CA LYS A 412 -8.11 21.09 32.76
C LYS A 412 -9.10 20.41 31.79
N LEU A 413 -10.04 21.15 31.21
CA LEU A 413 -10.93 20.55 30.23
C LEU A 413 -10.18 19.99 29.02
N SER A 414 -9.20 20.75 28.57
CA SER A 414 -8.43 20.38 27.39
C SER A 414 -7.64 19.10 27.62
N VAL A 415 -7.07 18.99 28.80
CA VAL A 415 -6.33 17.78 29.18
C VAL A 415 -7.24 16.56 29.24
N ALA A 416 -8.35 16.70 29.95
CA ALA A 416 -9.29 15.62 30.12
C ALA A 416 -9.81 15.20 28.75
N ARG A 417 -10.14 16.17 27.91
CA ARG A 417 -10.66 15.84 26.59
C ARG A 417 -9.59 15.22 25.68
N ALA A 418 -8.35 15.72 25.78
CA ALA A 418 -7.26 15.19 24.99
C ALA A 418 -7.01 13.73 25.34
N ARG A 419 -7.01 13.42 26.64
CA ARG A 419 -6.81 12.05 27.08
C ARG A 419 -7.92 11.10 26.61
N LYS A 420 -9.15 11.59 26.50
CA LYS A 420 -10.25 10.74 26.11
C LYS A 420 -10.19 10.55 24.59
N ILE A 421 -9.78 11.60 23.89
CA ILE A 421 -9.51 11.53 22.45
C ILE A 421 -8.46 10.46 22.13
N GLN A 422 -7.34 10.46 22.84
CA GLN A 422 -6.28 9.50 22.64
C GLN A 422 -6.79 8.07 22.80
N ARG A 423 -7.72 7.88 23.72
CA ARG A 423 -8.23 6.56 24.03
C ARG A 423 -9.26 6.14 23.01
N PHE A 424 -10.10 7.07 22.56
CA PHE A 424 -11.12 6.77 21.54
C PHE A 424 -10.51 6.50 20.16
N LEU A 425 -9.29 6.99 19.92
CA LEU A 425 -8.49 6.67 18.72
C LEU A 425 -7.94 5.23 18.72
N SER A 426 -7.89 4.58 19.89
CA SER A 426 -7.53 3.15 19.93
C SER A 426 -8.73 2.33 19.44
N GLN A 427 -8.49 1.07 19.06
CA GLN A 427 -9.54 0.27 18.41
C GLN A 427 -9.16 -1.22 18.43
N PRO A 428 -10.09 -2.11 18.85
CA PRO A 428 -9.80 -3.52 18.73
C PRO A 428 -9.84 -3.90 17.26
N PHE A 429 -8.87 -4.69 16.82
CA PHE A 429 -8.77 -5.09 15.40
C PHE A 429 -9.25 -6.53 15.17
N HIS A 430 -9.96 -6.73 14.05
CA HIS A 430 -10.40 -8.08 13.68
C HIS A 430 -9.24 -9.06 13.58
N VAL A 431 -8.10 -8.61 13.04
CA VAL A 431 -6.92 -9.49 12.91
C VAL A 431 -6.14 -9.76 14.23
N ALA A 432 -6.61 -9.21 15.35
CA ALA A 432 -6.07 -9.58 16.68
C ALA A 432 -7.00 -10.50 17.47
N GLU A 433 -8.19 -10.79 16.94
CA GLU A 433 -9.15 -11.69 17.60
C GLU A 433 -8.48 -13.02 17.93
N VAL A 434 -7.69 -13.53 16.97
CA VAL A 434 -6.92 -14.76 17.13
C VAL A 434 -6.08 -14.69 18.40
N PHE A 435 -5.34 -13.60 18.58
CA PHE A 435 -4.45 -13.45 19.74
C PHE A 435 -5.21 -13.11 21.01
N THR A 436 -5.95 -12.00 20.99
CA THR A 436 -6.46 -11.39 22.22
C THR A 436 -7.76 -11.98 22.78
N GLY A 437 -8.66 -12.42 21.91
CA GLY A 437 -9.97 -12.93 22.36
C GLY A 437 -11.13 -11.94 22.21
N SER A 438 -10.84 -10.65 22.07
CA SER A 438 -11.90 -9.62 22.02
C SER A 438 -12.27 -9.32 20.56
N PRO A 439 -13.56 -9.11 20.27
CA PRO A 439 -13.95 -8.87 18.87
C PRO A 439 -13.42 -7.55 18.30
N GLY A 440 -12.93 -7.58 17.07
CA GLY A 440 -12.48 -6.38 16.38
C GLY A 440 -13.67 -5.52 15.99
N LYS A 441 -13.42 -4.26 15.66
CA LYS A 441 -14.51 -3.36 15.37
C LYS A 441 -14.23 -2.64 14.08
N TYR A 442 -15.27 -2.52 13.25
CA TYR A 442 -15.27 -1.72 12.02
C TYR A 442 -16.14 -0.53 12.35
N VAL A 443 -15.62 0.70 12.28
CA VAL A 443 -16.42 1.85 12.63
C VAL A 443 -16.69 2.65 11.39
N PRO A 444 -17.97 2.83 11.03
CA PRO A 444 -18.32 3.68 9.89
C PRO A 444 -17.93 5.14 10.13
N LEU A 445 -17.61 5.84 9.05
CA LEU A 445 -17.17 7.21 9.11
C LEU A 445 -18.15 8.16 9.81
N LYS A 446 -19.44 8.03 9.51
CA LYS A 446 -20.50 8.79 10.20
C LYS A 446 -20.36 8.68 11.73
N GLU A 447 -20.05 7.48 12.22
CA GLU A 447 -19.88 7.26 13.68
C GLU A 447 -18.56 7.78 14.24
N THR A 448 -17.47 7.64 13.48
CA THR A 448 -16.20 8.25 13.86
C THR A 448 -16.37 9.74 14.08
N ILE A 449 -17.00 10.40 13.12
CA ILE A 449 -17.23 11.84 13.20
C ILE A 449 -18.14 12.22 14.41
N ARG A 450 -19.25 11.49 14.58
CA ARG A 450 -20.17 11.73 15.70
C ARG A 450 -19.48 11.55 17.06
N GLY A 451 -18.73 10.45 17.18
CA GLY A 451 -18.01 10.16 18.40
C GLY A 451 -17.06 11.29 18.80
N PHE A 452 -16.22 11.71 17.88
CA PHE A 452 -15.22 12.73 18.20
C PHE A 452 -15.83 14.11 18.38
N LYS A 453 -16.92 14.37 17.67
CA LYS A 453 -17.66 15.58 17.82
C LYS A 453 -18.25 15.65 19.25
N MET A 454 -18.80 14.55 19.69
CA MET A 454 -19.37 14.52 21.02
C MET A 454 -18.32 14.84 22.07
N ILE A 455 -17.11 14.29 21.93
CA ILE A 455 -16.04 14.60 22.87
C ILE A 455 -15.62 16.09 22.85
N VAL A 456 -15.32 16.65 21.68
CA VAL A 456 -14.93 18.08 21.64
C VAL A 456 -16.10 19.01 21.98
N ASP A 457 -17.35 18.61 21.74
CA ASP A 457 -18.49 19.47 22.08
C ASP A 457 -18.77 19.44 23.58
N GLY A 458 -18.13 18.53 24.30
CA GLY A 458 -18.30 18.41 25.72
C GLY A 458 -19.47 17.54 26.19
N GLU A 459 -20.00 16.69 25.32
CA GLU A 459 -21.12 15.82 25.70
C GLU A 459 -20.69 14.48 26.29
N CYS A 460 -19.40 14.28 26.50
CA CYS A 460 -18.83 13.08 27.14
C CYS A 460 -17.95 13.45 28.32
N ASP A 461 -18.10 14.68 28.83
CA ASP A 461 -17.27 15.17 29.95
C ASP A 461 -17.55 14.45 31.28
N HIS A 462 -18.67 13.73 31.33
CA HIS A 462 -19.06 12.94 32.50
C HIS A 462 -18.63 11.48 32.45
N LEU A 463 -18.03 11.01 31.35
CA LEU A 463 -17.56 9.63 31.30
C LEU A 463 -16.11 9.55 31.74
N PRO A 464 -15.70 8.48 32.43
CA PRO A 464 -14.27 8.35 32.73
C PRO A 464 -13.45 7.92 31.52
N GLU A 465 -12.17 8.26 31.54
CA GLU A 465 -11.36 8.11 30.39
C GLU A 465 -11.21 6.65 29.98
N GLN A 466 -11.11 5.76 30.94
CA GLN A 466 -10.99 4.35 30.67
C GLN A 466 -12.11 3.83 29.76
N ALA A 467 -13.28 4.45 29.80
CA ALA A 467 -14.42 3.97 29.02
C ALA A 467 -14.25 4.13 27.50
N PHE A 468 -13.35 5.01 27.08
CA PHE A 468 -13.12 5.31 25.69
C PHE A 468 -12.06 4.40 25.07
N TYR A 469 -11.42 3.57 25.88
CA TYR A 469 -10.29 2.76 25.48
C TYR A 469 -10.77 1.43 24.87
N MET A 470 -10.18 1.05 23.73
CA MET A 470 -10.49 -0.21 23.07
C MET A 470 -11.99 -0.44 22.92
N VAL A 471 -12.69 0.50 22.29
CA VAL A 471 -14.08 0.31 21.90
C VAL A 471 -14.24 0.74 20.43
N GLY A 472 -15.45 0.56 19.91
CA GLY A 472 -15.80 1.02 18.58
C GLY A 472 -16.47 2.36 18.50
N THR A 473 -17.79 2.33 18.40
CA THR A 473 -18.61 3.53 18.34
C THR A 473 -18.65 4.21 19.71
N ILE A 474 -19.07 5.46 19.73
CA ILE A 474 -19.19 6.18 20.99
C ILE A 474 -20.25 5.52 21.91
N ASP A 475 -21.24 4.84 21.31
CA ASP A 475 -22.29 4.20 22.15
C ASP A 475 -21.67 3.10 22.99
N GLU A 476 -20.65 2.45 22.46
CA GLU A 476 -19.90 1.48 23.26
C GLU A 476 -19.13 2.13 24.39
N ALA A 477 -18.70 3.39 24.23
CA ALA A 477 -18.03 4.04 25.36
C ALA A 477 -19.02 4.28 26.50
N PHE A 478 -20.23 4.75 26.16
CA PHE A 478 -21.27 4.97 27.15
C PHE A 478 -21.61 3.66 27.88
N GLU A 479 -21.72 2.57 27.12
CA GLU A 479 -22.05 1.29 27.72
C GLU A 479 -20.91 0.84 28.62
N LYS A 480 -19.69 1.00 28.16
CA LYS A 480 -18.57 0.57 28.98
C LYS A 480 -18.50 1.37 30.29
N ALA A 481 -18.85 2.66 30.23
CA ALA A 481 -18.80 3.50 31.44
C ALA A 481 -19.70 2.97 32.56
N LYS A 482 -20.90 2.49 32.22
CA LYS A 482 -21.87 1.95 33.20
C LYS A 482 -21.34 0.83 34.10
N LYS A 483 -20.26 0.18 33.68
CA LYS A 483 -19.69 -0.93 34.42
C LYS A 483 -18.42 -0.55 35.16
N ILE A 484 -18.09 0.74 35.25
CA ILE A 484 -16.80 1.18 35.76
C ILE A 484 -16.96 2.05 37.00
NA NA B . -14.98 15.03 33.76
#